data_1T4W
#
_entry.id   1T4W
#
_cell.length_a   39.360
_cell.length_b   68.430
_cell.length_c   88.180
_cell.angle_alpha   90.00
_cell.angle_beta   90.00
_cell.angle_gamma   90.00
#
_symmetry.space_group_name_H-M   'P 21 21 21'
#
loop_
_entity.id
_entity.type
_entity.pdbx_description
1 polymer 'C.Elegans p53 tumor suppressor-like transcription factor'
2 non-polymer 'ZINC ION'
3 water water
#
_entity_poly.entity_id   1
_entity_poly.type   'polypeptide(L)'
_entity_poly.pdbx_seq_one_letter_code
;EKWMEIDVLKQKVAKSSDMAFAISSEHEKYLWTKMGCLVPIQVKWKLDKRHFNSNLSLRIRFVKYDKKENVEYAIRNPRS
DVMKCRSHTEREQHFPFDSFFYIRNSEHEFSYSAEKGSTFTLIMYPGAVQANFDIIFMCQEKCLDLDDRRKTMCLAVFLD
DENGNEILHAYIKQVRIVAYPRRDWKNFCEREDAKQ
;
_entity_poly.pdbx_strand_id   A
#
loop_
_chem_comp.id
_chem_comp.type
_chem_comp.name
_chem_comp.formula
ZN non-polymer 'ZINC ION' 'Zn 2'
#
# COMPACT_ATOMS: atom_id res chain seq x y z
N GLU A 1 23.14 -5.10 4.80
CA GLU A 1 23.34 -5.11 3.32
C GLU A 1 22.32 -4.23 2.61
N LYS A 2 21.09 -4.72 2.51
CA LYS A 2 20.02 -3.97 1.85
C LYS A 2 18.68 -4.21 2.53
N TRP A 3 17.86 -3.17 2.60
CA TRP A 3 16.52 -3.34 3.20
C TRP A 3 15.59 -2.27 2.66
N MET A 4 14.29 -2.50 2.88
CA MET A 4 13.29 -1.53 2.47
C MET A 4 12.12 -1.57 3.45
N GLU A 5 11.54 -0.41 3.71
CA GLU A 5 10.42 -0.33 4.63
C GLU A 5 9.38 0.61 4.06
N ILE A 6 8.12 0.33 4.35
CA ILE A 6 7.06 1.22 3.94
C ILE A 6 6.36 1.63 5.24
N ASP A 7 6.05 2.91 5.41
CA ASP A 7 5.40 3.38 6.62
C ASP A 7 4.54 4.59 6.30
N VAL A 8 3.64 4.96 7.20
CA VAL A 8 2.87 6.17 6.94
C VAL A 8 3.70 7.27 7.62
N LEU A 9 3.50 8.53 7.26
CA LEU A 9 4.22 9.62 7.88
C LEU A 9 3.57 9.82 9.25
N LYS A 10 4.15 9.20 10.27
CA LYS A 10 3.61 9.23 11.63
C LYS A 10 3.20 10.57 12.19
N GLN A 11 4.00 11.60 11.98
CA GLN A 11 3.68 12.92 12.49
C GLN A 11 2.22 13.23 12.22
N LYS A 12 1.83 13.20 10.96
CA LYS A 12 0.46 13.52 10.59
C LYS A 12 -0.57 12.47 10.98
N VAL A 13 -0.24 11.20 10.80
CA VAL A 13 -1.19 10.14 11.14
C VAL A 13 -1.50 10.03 12.63
N ALA A 14 -0.50 10.26 13.46
CA ALA A 14 -0.59 10.18 14.92
C ALA A 14 -1.96 10.36 15.59
N LYS A 15 -2.61 11.50 15.40
CA LYS A 15 -3.91 11.75 16.04
C LYS A 15 -5.05 12.05 15.08
N SER A 16 -4.87 11.69 13.81
CA SER A 16 -5.88 11.95 12.80
C SER A 16 -7.16 11.16 13.03
N SER A 17 -8.32 11.77 12.72
CA SER A 17 -9.60 11.09 12.85
C SER A 17 -9.82 10.19 11.65
N ASP A 18 -9.19 10.54 10.53
CA ASP A 18 -9.35 9.83 9.26
C ASP A 18 -8.49 8.62 8.98
N MET A 19 -7.47 8.39 9.80
CA MET A 19 -6.58 7.24 9.59
C MET A 19 -5.77 6.98 10.84
N ALA A 20 -5.23 5.77 10.93
CA ALA A 20 -4.45 5.34 12.07
C ALA A 20 -3.56 4.19 11.63
N PHE A 21 -2.40 4.08 12.26
CA PHE A 21 -1.42 3.06 11.92
C PHE A 21 -0.95 2.38 13.19
N ALA A 22 -0.64 1.08 13.09
CA ALA A 22 -0.15 0.38 14.26
C ALA A 22 0.67 -0.82 13.80
N ILE A 23 1.39 -1.41 14.76
CA ILE A 23 2.21 -2.56 14.50
C ILE A 23 1.63 -3.63 15.38
N SER A 24 1.69 -4.88 14.93
CA SER A 24 1.17 -5.98 15.73
C SER A 24 2.28 -6.43 16.67
N SER A 25 1.95 -7.35 17.56
CA SER A 25 2.94 -7.88 18.49
C SER A 25 4.01 -8.57 17.66
N GLU A 26 3.65 -9.00 16.46
CA GLU A 26 4.60 -9.65 15.56
C GLU A 26 5.32 -8.64 14.68
N HIS A 27 5.11 -7.36 14.98
CA HIS A 27 5.77 -6.28 14.24
C HIS A 27 5.33 -6.04 12.78
N GLU A 28 4.18 -6.57 12.40
CA GLU A 28 3.65 -6.37 11.06
C GLU A 28 2.87 -5.06 11.10
N LYS A 29 2.76 -4.40 9.96
CA LYS A 29 2.10 -3.11 9.90
C LYS A 29 0.65 -3.10 9.49
N TYR A 30 -0.16 -2.32 10.21
CA TYR A 30 -1.60 -2.22 9.95
C TYR A 30 -2.04 -0.78 9.76
N LEU A 31 -2.84 -0.57 8.73
CA LEU A 31 -3.37 0.77 8.45
C LEU A 31 -4.91 0.73 8.38
N TRP A 32 -5.55 1.72 8.98
CA TRP A 32 -7.00 1.86 8.89
C TRP A 32 -7.16 3.28 8.41
N THR A 33 -8.00 3.50 7.41
CA THR A 33 -8.22 4.86 6.88
C THR A 33 -9.61 4.94 6.27
N LYS A 34 -10.15 6.16 6.16
CA LYS A 34 -11.45 6.34 5.53
C LYS A 34 -11.14 6.43 4.04
N MET A 35 -12.13 6.20 3.18
CA MET A 35 -11.85 6.33 1.75
C MET A 35 -11.86 7.83 1.41
N GLY A 36 -11.30 8.21 0.28
CA GLY A 36 -11.27 9.63 -0.07
C GLY A 36 -10.34 10.48 0.79
N CYS A 37 -9.44 9.86 1.54
CA CYS A 37 -8.52 10.65 2.36
C CYS A 37 -7.07 10.37 1.97
N LEU A 38 -6.26 11.43 1.96
CA LEU A 38 -4.85 11.33 1.59
C LEU A 38 -4.03 10.71 2.71
N VAL A 39 -3.49 9.53 2.45
CA VAL A 39 -2.67 8.87 3.44
C VAL A 39 -1.21 9.13 3.04
N PRO A 40 -0.43 9.78 3.91
CA PRO A 40 0.98 10.10 3.67
C PRO A 40 1.90 8.89 3.87
N ILE A 41 2.46 8.40 2.77
CA ILE A 41 3.34 7.23 2.80
C ILE A 41 4.80 7.64 2.58
N GLN A 42 5.70 6.93 3.25
CA GLN A 42 7.12 7.16 3.05
C GLN A 42 7.76 5.81 2.82
N VAL A 43 8.39 5.61 1.67
CA VAL A 43 9.07 4.34 1.40
C VAL A 43 10.58 4.62 1.51
N LYS A 44 11.29 3.84 2.31
CA LYS A 44 12.72 4.06 2.48
C LYS A 44 13.50 2.78 2.23
N TRP A 45 14.74 2.91 1.79
CA TRP A 45 15.56 1.73 1.56
C TRP A 45 17.05 2.02 1.62
N LYS A 46 17.82 0.96 1.78
CA LYS A 46 19.27 1.02 1.78
C LYS A 46 19.71 -0.03 0.76
N LEU A 47 20.57 0.38 -0.17
CA LEU A 47 21.03 -0.51 -1.22
C LEU A 47 22.42 -1.05 -1.00
N ASP A 48 22.71 -2.17 -1.65
CA ASP A 48 24.01 -2.79 -1.56
C ASP A 48 24.95 -2.11 -2.53
N LYS A 49 26.12 -2.73 -2.71
CA LYS A 49 27.16 -2.20 -3.57
C LYS A 49 26.79 -2.14 -5.05
N ARG A 50 26.37 -3.26 -5.60
CA ARG A 50 26.05 -3.30 -7.03
C ARG A 50 24.94 -2.37 -7.52
N HIS A 51 24.12 -1.85 -6.61
CA HIS A 51 23.03 -0.98 -7.04
C HIS A 51 23.28 0.50 -6.76
N PHE A 52 24.32 0.79 -5.99
CA PHE A 52 24.63 2.16 -5.63
C PHE A 52 24.41 3.21 -6.73
N ASN A 53 24.77 2.90 -7.96
CA ASN A 53 24.58 3.89 -9.03
C ASN A 53 23.48 3.52 -10.02
N SER A 54 22.63 2.58 -9.62
CA SER A 54 21.55 2.13 -10.48
C SER A 54 20.38 3.09 -10.60
N ASN A 55 19.78 3.10 -11.78
CA ASN A 55 18.60 3.91 -11.97
C ASN A 55 17.51 2.95 -11.52
N LEU A 56 16.69 3.35 -10.56
CA LEU A 56 15.66 2.45 -10.06
C LEU A 56 14.24 2.96 -10.25
N SER A 57 13.29 2.05 -10.11
CA SER A 57 11.88 2.39 -10.19
C SER A 57 11.16 1.71 -9.01
N LEU A 58 10.04 2.29 -8.59
CA LEU A 58 9.29 1.71 -7.49
C LEU A 58 7.87 1.40 -7.96
N ARG A 59 7.46 0.14 -7.81
CA ARG A 59 6.11 -0.24 -8.19
C ARG A 59 5.24 -0.30 -6.94
N ILE A 60 4.02 0.19 -7.06
CA ILE A 60 3.07 0.22 -5.94
C ILE A 60 1.80 -0.53 -6.36
N ARG A 61 1.42 -1.53 -5.56
CA ARG A 61 0.24 -2.34 -5.82
C ARG A 61 -0.66 -2.41 -4.60
N PHE A 62 -1.92 -2.71 -4.84
CA PHE A 62 -2.87 -2.85 -3.77
C PHE A 62 -3.64 -4.12 -4.10
N VAL A 63 -3.32 -5.18 -3.36
CA VAL A 63 -3.87 -6.51 -3.57
C VAL A 63 -4.59 -7.13 -2.38
N LYS A 64 -5.24 -8.26 -2.64
CA LYS A 64 -5.95 -8.98 -1.58
C LYS A 64 -5.40 -10.40 -1.51
N TYR A 65 -5.48 -10.99 -0.32
CA TYR A 65 -4.98 -12.33 -0.13
C TYR A 65 -5.72 -12.94 1.05
N ASP A 66 -5.54 -14.24 1.25
CA ASP A 66 -6.19 -14.90 2.38
C ASP A 66 -5.32 -16.05 2.85
N LYS A 67 -5.90 -16.96 3.61
CA LYS A 67 -5.15 -18.10 4.13
C LYS A 67 -4.74 -19.06 3.01
N LYS A 68 -5.54 -19.12 1.95
CA LYS A 68 -5.27 -19.99 0.82
C LYS A 68 -4.18 -19.51 -0.14
N GLU A 69 -4.00 -18.20 -0.23
CA GLU A 69 -2.96 -17.64 -1.09
C GLU A 69 -2.21 -16.58 -0.30
N ASN A 70 -1.07 -16.99 0.26
CA ASN A 70 -0.24 -16.13 1.10
C ASN A 70 0.27 -14.83 0.48
N VAL A 71 0.69 -13.92 1.35
CA VAL A 71 1.11 -12.62 0.91
C VAL A 71 2.21 -12.58 -0.14
N GLU A 72 3.29 -13.35 0.05
CA GLU A 72 4.40 -13.31 -0.90
C GLU A 72 3.92 -13.71 -2.29
N TYR A 73 2.99 -14.66 -2.37
CA TYR A 73 2.47 -15.01 -3.69
C TYR A 73 1.54 -13.90 -4.20
N ALA A 74 0.58 -13.51 -3.38
CA ALA A 74 -0.41 -12.51 -3.81
C ALA A 74 0.16 -11.20 -4.34
N ILE A 75 1.16 -10.66 -3.66
CA ILE A 75 1.70 -9.37 -4.09
C ILE A 75 2.38 -9.40 -5.44
N ARG A 76 2.74 -10.59 -5.92
CA ARG A 76 3.39 -10.68 -7.21
C ARG A 76 2.48 -11.34 -8.27
N ASN A 77 1.26 -11.66 -7.88
CA ASN A 77 0.26 -12.29 -8.78
C ASN A 77 -0.49 -11.16 -9.50
N PRO A 78 -0.39 -11.10 -10.85
CA PRO A 78 -1.10 -10.03 -11.54
C PRO A 78 -2.61 -10.05 -11.44
N ARG A 79 -3.17 -11.15 -10.93
CA ARG A 79 -4.62 -11.26 -10.82
C ARG A 79 -5.17 -10.98 -9.42
N SER A 80 -4.33 -10.52 -8.50
CA SER A 80 -4.82 -10.31 -7.14
C SER A 80 -5.28 -8.91 -6.75
N ASP A 81 -5.45 -8.01 -7.71
CA ASP A 81 -5.86 -6.67 -7.34
C ASP A 81 -7.14 -6.59 -6.53
N VAL A 82 -7.22 -5.59 -5.65
CA VAL A 82 -8.45 -5.35 -4.91
C VAL A 82 -9.25 -4.64 -6.00
N MET A 83 -10.49 -5.08 -6.23
CA MET A 83 -11.31 -4.53 -7.29
C MET A 83 -12.31 -3.48 -6.82
N LYS A 84 -12.32 -2.37 -7.52
CA LYS A 84 -13.20 -1.25 -7.22
C LYS A 84 -14.65 -1.67 -7.50
N CYS A 85 -15.62 -1.25 -6.69
CA CYS A 85 -17.00 -1.65 -6.97
C CYS A 85 -17.54 -0.90 -8.17
N ARG A 86 -18.67 -1.39 -8.69
CA ARG A 86 -19.28 -0.81 -9.87
C ARG A 86 -19.63 0.64 -9.69
N SER A 87 -20.28 0.98 -8.57
CA SER A 87 -20.69 2.37 -8.37
C SER A 87 -19.56 3.36 -8.16
N HIS A 88 -18.47 2.94 -7.51
CA HIS A 88 -17.37 3.90 -7.34
C HIS A 88 -16.61 4.01 -8.65
N THR A 89 -16.61 2.94 -9.44
CA THR A 89 -15.92 2.96 -10.72
C THR A 89 -16.55 4.02 -11.62
N GLU A 90 -17.84 3.88 -11.90
CA GLU A 90 -18.51 4.83 -12.79
C GLU A 90 -18.63 6.25 -12.22
N ARG A 91 -18.56 6.37 -10.91
CA ARG A 91 -18.63 7.68 -10.26
C ARG A 91 -17.23 8.33 -10.16
N GLU A 92 -16.20 7.62 -10.61
CA GLU A 92 -14.81 8.10 -10.54
C GLU A 92 -14.44 9.20 -11.53
N GLN A 93 -13.79 10.25 -11.02
CA GLN A 93 -13.35 11.36 -11.86
C GLN A 93 -11.83 11.49 -11.94
N HIS A 94 -11.12 10.44 -11.54
CA HIS A 94 -9.67 10.40 -11.60
C HIS A 94 -9.31 9.25 -12.52
N PHE A 95 -8.45 9.52 -13.50
CA PHE A 95 -8.05 8.48 -14.43
C PHE A 95 -6.86 7.70 -13.87
N PRO A 96 -6.85 6.36 -14.01
CA PRO A 96 -7.87 5.49 -14.63
C PRO A 96 -9.05 5.33 -13.68
N PHE A 97 -10.27 5.40 -14.21
CA PHE A 97 -11.46 5.34 -13.38
C PHE A 97 -11.70 4.07 -12.60
N ASP A 98 -11.17 2.96 -13.09
CA ASP A 98 -11.40 1.70 -12.39
C ASP A 98 -10.32 1.34 -11.37
N SER A 99 -9.32 2.20 -11.15
CA SER A 99 -8.29 1.86 -10.17
C SER A 99 -8.86 2.05 -8.77
N PHE A 100 -8.59 1.10 -7.89
CA PHE A 100 -9.08 1.18 -6.52
C PHE A 100 -8.39 2.34 -5.77
N PHE A 101 -7.14 2.61 -6.14
CA PHE A 101 -6.36 3.65 -5.47
C PHE A 101 -5.60 4.56 -6.41
N TYR A 102 -5.19 5.71 -5.91
CA TYR A 102 -4.43 6.68 -6.68
C TYR A 102 -3.26 7.26 -5.86
N ILE A 103 -2.32 7.85 -6.57
CA ILE A 103 -1.13 8.44 -5.97
C ILE A 103 -1.16 9.95 -6.19
N ARG A 104 -1.03 10.71 -5.10
CA ARG A 104 -1.06 12.17 -5.20
C ARG A 104 0.12 12.78 -4.43
N ASN A 105 0.44 14.01 -4.77
CA ASN A 105 1.54 14.74 -4.14
C ASN A 105 2.79 13.87 -4.13
N SER A 106 3.04 13.22 -5.26
CA SER A 106 4.22 12.37 -5.36
C SER A 106 5.41 13.22 -5.70
N GLU A 107 6.47 13.06 -4.91
CA GLU A 107 7.70 13.81 -5.14
C GLU A 107 8.33 13.25 -6.42
N HIS A 108 8.09 11.97 -6.70
CA HIS A 108 8.63 11.32 -7.88
C HIS A 108 7.68 11.26 -9.07
N GLU A 109 8.26 11.29 -10.27
CA GLU A 109 7.46 11.18 -11.48
C GLU A 109 6.91 9.75 -11.44
N PHE A 110 5.70 9.53 -11.97
CA PHE A 110 5.15 8.17 -11.98
C PHE A 110 4.33 7.93 -13.23
N SER A 111 4.08 6.66 -13.52
CA SER A 111 3.27 6.23 -14.65
C SER A 111 2.37 5.12 -14.09
N TYR A 112 1.37 4.73 -14.88
CA TYR A 112 0.44 3.71 -14.47
C TYR A 112 0.21 2.68 -15.56
N SER A 113 -0.09 1.45 -15.13
CA SER A 113 -0.41 0.36 -16.03
C SER A 113 -1.14 -0.71 -15.23
N ALA A 114 -2.02 -1.46 -15.91
CA ALA A 114 -2.75 -2.52 -15.25
C ALA A 114 -2.35 -3.86 -15.86
N GLU A 115 -1.53 -3.79 -16.90
CA GLU A 115 -1.05 -4.99 -17.61
C GLU A 115 -0.81 -6.17 -16.67
N LYS A 116 0.04 -5.97 -15.66
CA LYS A 116 0.33 -7.06 -14.72
C LYS A 116 -0.31 -6.80 -13.36
N GLY A 117 -1.46 -6.15 -13.39
CA GLY A 117 -2.16 -5.79 -12.16
C GLY A 117 -2.01 -4.29 -12.00
N SER A 118 -3.02 -3.66 -11.41
CA SER A 118 -3.02 -2.21 -11.19
C SER A 118 -1.72 -1.78 -10.46
N THR A 119 -0.87 -1.05 -11.15
CA THR A 119 0.42 -0.66 -10.60
C THR A 119 0.83 0.76 -10.94
N PHE A 120 1.28 1.51 -9.94
CA PHE A 120 1.80 2.85 -10.19
C PHE A 120 3.30 2.66 -10.10
N THR A 121 4.01 3.12 -11.12
CA THR A 121 5.47 3.01 -11.13
C THR A 121 6.11 4.36 -10.99
N LEU A 122 6.88 4.52 -9.93
CA LEU A 122 7.58 5.77 -9.70
C LEU A 122 8.91 5.70 -10.42
N ILE A 123 9.21 6.72 -11.22
CA ILE A 123 10.49 6.76 -11.93
C ILE A 123 11.43 7.59 -11.08
N MET A 124 12.51 6.97 -10.64
CA MET A 124 13.44 7.69 -9.81
C MET A 124 14.79 7.93 -10.45
N TYR A 125 15.80 8.19 -9.64
CA TYR A 125 17.11 8.49 -10.18
C TYR A 125 18.16 7.81 -9.33
N PRO A 126 19.35 7.56 -9.90
CA PRO A 126 20.43 6.91 -9.16
C PRO A 126 20.63 7.69 -7.89
N GLY A 127 20.83 6.96 -6.81
CA GLY A 127 21.04 7.61 -5.52
C GLY A 127 19.78 7.87 -4.71
N ALA A 128 18.59 7.74 -5.30
CA ALA A 128 17.38 7.99 -4.51
C ALA A 128 17.28 6.89 -3.45
N VAL A 129 16.91 7.26 -2.23
CA VAL A 129 16.79 6.26 -1.16
C VAL A 129 15.46 6.40 -0.42
N GLN A 130 14.57 7.23 -0.93
CA GLN A 130 13.27 7.40 -0.29
C GLN A 130 12.25 7.83 -1.30
N ALA A 131 10.99 7.52 -1.04
CA ALA A 131 9.96 7.98 -1.93
C ALA A 131 8.80 8.38 -1.04
N ASN A 132 8.33 9.61 -1.25
CA ASN A 132 7.21 10.15 -0.51
C ASN A 132 6.04 10.41 -1.44
N PHE A 133 4.84 10.14 -0.95
CA PHE A 133 3.63 10.40 -1.73
C PHE A 133 2.41 10.08 -0.88
N ASP A 134 1.27 10.60 -1.30
CA ASP A 134 0.05 10.25 -0.60
C ASP A 134 -0.65 9.21 -1.43
N ILE A 135 -1.31 8.28 -0.76
CA ILE A 135 -2.12 7.31 -1.48
C ILE A 135 -3.55 7.60 -1.03
N ILE A 136 -4.51 7.45 -1.93
CA ILE A 136 -5.90 7.70 -1.56
C ILE A 136 -6.76 6.56 -2.13
N PHE A 137 -7.64 6.00 -1.30
CA PHE A 137 -8.50 4.87 -1.69
C PHE A 137 -9.88 5.39 -2.06
N MET A 138 -10.36 4.99 -3.23
CA MET A 138 -11.64 5.47 -3.73
C MET A 138 -12.76 4.43 -3.72
N CYS A 139 -12.67 3.46 -2.82
CA CYS A 139 -13.71 2.46 -2.67
C CYS A 139 -13.43 1.94 -1.28
N GLN A 140 -14.32 1.16 -0.71
CA GLN A 140 -14.06 0.72 0.64
C GLN A 140 -14.54 -0.69 0.95
N GLU A 141 -14.15 -1.17 2.11
CA GLU A 141 -14.52 -2.50 2.56
C GLU A 141 -16.02 -2.73 2.46
N LYS A 142 -16.80 -1.76 2.91
CA LYS A 142 -18.24 -1.86 2.91
C LYS A 142 -18.82 -2.23 1.54
N CYS A 143 -18.13 -1.81 0.48
CA CYS A 143 -18.57 -2.09 -0.90
C CYS A 143 -18.40 -3.52 -1.39
N LEU A 144 -17.48 -4.26 -0.79
CA LEU A 144 -17.17 -5.61 -1.24
C LEU A 144 -18.13 -6.74 -0.88
N ASP A 145 -18.02 -7.83 -1.64
CA ASP A 145 -18.84 -9.03 -1.43
C ASP A 145 -18.28 -9.74 -0.19
N LEU A 146 -19.17 -10.31 0.62
CA LEU A 146 -18.74 -11.00 1.84
C LEU A 146 -17.43 -11.77 1.71
N ASP A 147 -17.30 -12.57 0.65
CA ASP A 147 -16.10 -13.35 0.46
C ASP A 147 -14.85 -12.49 0.28
N ASP A 148 -15.00 -11.35 -0.40
CA ASP A 148 -13.87 -10.44 -0.60
C ASP A 148 -13.59 -9.65 0.67
N ARG A 149 -14.66 -9.37 1.42
CA ARG A 149 -14.57 -8.61 2.65
C ARG A 149 -13.72 -9.39 3.67
N ARG A 150 -13.73 -10.71 3.55
CA ARG A 150 -12.99 -11.59 4.44
C ARG A 150 -11.52 -11.71 4.05
N LYS A 151 -11.18 -11.35 2.82
CA LYS A 151 -9.80 -11.39 2.40
C LYS A 151 -9.10 -10.18 3.02
N THR A 152 -7.78 -10.21 3.05
CA THR A 152 -7.02 -9.11 3.62
C THR A 152 -6.46 -8.25 2.48
N MET A 153 -6.63 -6.94 2.57
CA MET A 153 -6.10 -6.03 1.54
C MET A 153 -4.68 -5.69 1.97
N CYS A 154 -3.78 -5.58 1.01
CA CYS A 154 -2.35 -5.36 1.26
C CYS A 154 -1.71 -4.31 0.33
N LEU A 155 -1.00 -3.34 0.90
CA LEU A 155 -0.32 -2.31 0.10
C LEU A 155 1.12 -2.76 0.00
N ALA A 156 1.56 -3.09 -1.21
CA ALA A 156 2.91 -3.60 -1.43
C ALA A 156 3.72 -2.74 -2.41
N VAL A 157 5.02 -2.61 -2.13
CA VAL A 157 5.93 -1.85 -2.98
C VAL A 157 7.15 -2.71 -3.34
N PHE A 158 7.66 -2.49 -4.54
CA PHE A 158 8.79 -3.24 -5.08
C PHE A 158 9.80 -2.27 -5.65
N LEU A 159 11.07 -2.50 -5.34
CA LEU A 159 12.12 -1.68 -5.89
C LEU A 159 12.72 -2.53 -7.01
N ASP A 160 12.68 -2.02 -8.24
CA ASP A 160 13.24 -2.75 -9.39
C ASP A 160 14.51 -2.12 -9.93
N ASP A 161 15.42 -2.94 -10.46
CA ASP A 161 16.65 -2.41 -11.06
C ASP A 161 16.32 -1.99 -12.49
N GLU A 162 17.34 -1.59 -13.26
CA GLU A 162 17.13 -1.15 -14.64
C GLU A 162 16.58 -2.24 -15.57
N ASN A 163 16.92 -3.49 -15.28
CA ASN A 163 16.44 -4.59 -16.11
C ASN A 163 15.05 -5.08 -15.72
N GLY A 164 14.45 -4.44 -14.73
CA GLY A 164 13.11 -4.82 -14.31
C GLY A 164 13.07 -5.94 -13.27
N ASN A 165 14.21 -6.27 -12.69
CA ASN A 165 14.26 -7.31 -11.66
C ASN A 165 13.95 -6.67 -10.32
N GLU A 166 13.05 -7.30 -9.57
CA GLU A 166 12.72 -6.83 -8.22
C GLU A 166 13.97 -7.09 -7.37
N ILE A 167 14.44 -6.07 -6.64
CA ILE A 167 15.60 -6.29 -5.78
C ILE A 167 15.23 -6.16 -4.29
N LEU A 168 14.12 -5.50 -4.00
CA LEU A 168 13.63 -5.36 -2.62
C LEU A 168 12.12 -5.18 -2.68
N HIS A 169 11.46 -5.47 -1.57
CA HIS A 169 10.01 -5.31 -1.47
C HIS A 169 9.63 -5.02 -0.05
N ALA A 170 8.42 -4.51 0.16
CA ALA A 170 7.92 -4.21 1.50
C ALA A 170 6.42 -4.06 1.38
N TYR A 171 5.71 -4.21 2.49
CA TYR A 171 4.27 -4.04 2.43
C TYR A 171 3.68 -3.72 3.79
N ILE A 172 2.45 -3.19 3.74
CA ILE A 172 1.65 -2.94 4.92
C ILE A 172 0.77 -4.20 4.90
N LYS A 173 1.01 -5.06 5.87
CA LYS A 173 0.34 -6.35 5.97
C LYS A 173 -1.17 -6.30 5.88
N GLN A 174 -1.79 -5.35 6.55
CA GLN A 174 -3.23 -5.23 6.44
C GLN A 174 -3.67 -3.78 6.38
N VAL A 175 -4.49 -3.50 5.38
CA VAL A 175 -5.05 -2.18 5.19
C VAL A 175 -6.56 -2.35 5.22
N ARG A 176 -7.23 -1.55 6.04
CA ARG A 176 -8.69 -1.61 6.08
C ARG A 176 -9.25 -0.23 5.81
N ILE A 177 -10.22 -0.15 4.90
CA ILE A 177 -10.83 1.11 4.55
C ILE A 177 -12.22 1.03 5.17
N VAL A 178 -12.37 1.75 6.28
CA VAL A 178 -13.58 1.72 7.09
C VAL A 178 -14.12 3.10 7.41
N ALA A 179 -15.25 3.14 8.11
CA ALA A 179 -15.91 4.40 8.48
C ALA A 179 -15.26 5.12 9.68
N TYR A 180 -14.83 4.34 10.67
CA TYR A 180 -14.23 4.90 11.88
C TYR A 180 -12.89 4.24 12.16
N PRO A 181 -11.84 4.65 11.43
CA PRO A 181 -10.53 4.04 11.65
C PRO A 181 -10.06 4.00 13.11
N ARG A 182 -10.41 5.02 13.91
CA ARG A 182 -9.96 5.00 15.32
C ARG A 182 -10.63 3.90 16.16
N ARG A 183 -11.86 3.53 15.82
CA ARG A 183 -12.53 2.45 16.54
C ARG A 183 -11.75 1.14 16.31
N ASP A 184 -11.53 0.81 15.05
CA ASP A 184 -10.83 -0.42 14.70
C ASP A 184 -9.38 -0.44 15.19
N TRP A 185 -8.69 0.68 15.05
CA TRP A 185 -7.32 0.81 15.53
C TRP A 185 -7.27 0.57 17.04
N LYS A 186 -8.20 1.18 17.77
CA LYS A 186 -8.20 1.04 19.23
C LYS A 186 -8.48 -0.41 19.65
N ASN A 187 -9.44 -1.04 18.98
CA ASN A 187 -9.77 -2.42 19.28
C ASN A 187 -8.52 -3.27 19.01
N PHE A 188 -7.87 -3.00 17.89
CA PHE A 188 -6.66 -3.77 17.55
C PHE A 188 -5.57 -3.63 18.61
N CYS A 189 -5.26 -2.40 19.02
CA CYS A 189 -4.24 -2.17 20.02
C CYS A 189 -4.56 -2.85 21.35
N GLU A 190 -5.80 -2.72 21.83
CA GLU A 190 -6.21 -3.34 23.10
C GLU A 190 -6.08 -4.85 23.02
N ARG A 191 -6.50 -5.44 21.89
CA ARG A 191 -6.39 -6.89 21.75
C ARG A 191 -4.93 -7.34 21.74
N GLU A 192 -4.07 -6.61 21.04
CA GLU A 192 -2.64 -6.94 20.99
C GLU A 192 -1.99 -6.81 22.35
N ASP A 193 -2.18 -5.67 23.01
CA ASP A 193 -1.58 -5.43 24.32
C ASP A 193 -2.09 -6.39 25.37
N ALA A 194 -3.27 -6.94 25.16
CA ALA A 194 -3.83 -7.88 26.11
C ALA A 194 -3.00 -9.15 26.04
N LYS A 195 -2.40 -9.39 24.89
CA LYS A 195 -1.57 -10.57 24.69
C LYS A 195 -0.36 -10.49 25.63
N GLN A 196 -0.43 -11.26 26.72
CA GLN A 196 0.63 -11.31 27.72
C GLN A 196 2.00 -11.56 27.11
ZN ZN B . -16.96 1.07 -3.66
#